data_6FGD
#
_entry.id   6FGD
#
_cell.length_a   87.152
_cell.length_b   99.455
_cell.length_c   111.965
_cell.angle_alpha   90.00
_cell.angle_beta   90.00
_cell.angle_gamma   90.00
#
_symmetry.space_group_name_H-M   'I 2 2 2'
#
loop_
_entity.id
_entity.type
_entity.pdbx_description
1 polymer Gephyrin
2 non-polymer 'CALCIUM ION'
3 non-polymer 'PHOSPHATE ION'
4 non-polymer 'ACETATE ION'
5 non-polymer 'SODIUM ION'
6 non-polymer "ADENOSINE-5'-DIPHOSPHATE"
7 non-polymer (4S)-2-METHYL-2,4-PENTANEDIOL
8 non-polymer Artemether
9 water water
#
_entity_poly.entity_id   1
_entity_poly.type   'polypeptide(L)'
_entity_poly.pdbx_seq_one_letter_code
;MSPFPLTSMDKAFITVLEMTPVLGTEIINYRDGMGRVLAQDVYAKDNLPPFPASVKDGYAVRAADGPGDRFIIGESQAGE
QPTQTVMPGQVMRVTTGAPIPCGADAVVQVEDTELIRESDDGTEELEVRILVQARPGQDIRPIGHDIKRGECVLAKGTHM
GPSEIGLLATVGVTEVEVNKFPVVAVMSTGNELLNPEDDLLPGKIRDSNRSTLLATIQEHGYPTINLGIVGDNPDDLLNA
LNEGISRADVIITSGGVSMGEKDYLKQVLDIDLHAQIHFGRVFMKPGLPTTFATLDIDGVRKIIFALPGNPVSAVVTCNL
FVVPALRKMQGILDPRPTIIKARLSCDVKLDPRPEYHRCILTWHHQEPLPWAQSTGNQMSSRLMSMRSANGLLMLPPKTE
QYVELHKGEVVDVMVIGRL
;
_entity_poly.pdbx_strand_id   A
#
loop_
_chem_comp.id
_chem_comp.type
_chem_comp.name
_chem_comp.formula
ACT non-polymer 'ACETATE ION' 'C2 H3 O2 -1'
ADP non-polymer ADENOSINE-5'-DIPHOSPHATE 'C10 H15 N5 O10 P2'
CA non-polymer 'CALCIUM ION' 'Ca 2'
D8Z non-polymer Artemether 'C16 H26 O5'
MPD non-polymer (4S)-2-METHYL-2,4-PENTANEDIOL 'C6 H14 O2'
NA non-polymer 'SODIUM ION' 'Na 1'
PO4 non-polymer 'PHOSPHATE ION' 'O4 P -3'
#
# COMPACT_ATOMS: atom_id res chain seq x y z
N SER A 2 -21.73 -10.99 -28.33
CA SER A 2 -22.28 -12.18 -28.96
C SER A 2 -23.81 -12.27 -28.83
N PRO A 3 -24.38 -11.90 -27.67
CA PRO A 3 -23.82 -11.34 -26.42
C PRO A 3 -23.06 -12.36 -25.60
N PHE A 4 -22.04 -11.89 -24.89
CA PHE A 4 -21.24 -12.75 -24.03
C PHE A 4 -22.08 -13.21 -22.83
N PRO A 5 -21.78 -14.38 -22.25
CA PRO A 5 -22.55 -14.83 -21.09
CA PRO A 5 -22.56 -14.83 -21.09
C PRO A 5 -22.43 -13.86 -19.92
N LEU A 6 -23.49 -13.79 -19.11
CA LEU A 6 -23.46 -12.99 -17.90
C LEU A 6 -22.63 -13.77 -16.89
N THR A 7 -21.48 -13.27 -16.57
CA THR A 7 -20.58 -13.94 -15.66
C THR A 7 -20.88 -13.49 -14.24
N SER A 8 -20.92 -14.43 -13.30
CA SER A 8 -21.17 -14.01 -11.93
C SER A 8 -20.00 -13.18 -11.43
N MET A 9 -20.30 -12.33 -10.46
CA MET A 9 -19.26 -11.48 -9.89
CA MET A 9 -19.24 -11.47 -9.90
C MET A 9 -18.12 -12.32 -9.31
N ASP A 10 -18.46 -13.38 -8.57
CA ASP A 10 -17.45 -14.25 -7.99
C ASP A 10 -16.55 -14.83 -9.07
N LYS A 11 -17.15 -15.37 -10.13
CA LYS A 11 -16.35 -15.98 -11.19
C LYS A 11 -15.51 -14.94 -11.92
N ALA A 12 -16.07 -13.76 -12.15
CA ALA A 12 -15.31 -12.74 -12.85
C ALA A 12 -14.11 -12.32 -12.04
N PHE A 13 -14.29 -12.11 -10.72
CA PHE A 13 -13.18 -11.66 -9.90
C PHE A 13 -12.10 -12.73 -9.81
N ILE A 14 -12.49 -13.99 -9.60
CA ILE A 14 -11.52 -15.08 -9.52
C ILE A 14 -10.77 -15.20 -10.83
N THR A 15 -11.47 -15.01 -11.95
CA THR A 15 -10.84 -15.14 -13.26
C THR A 15 -9.78 -14.08 -13.45
N VAL A 16 -10.06 -12.84 -13.04
CA VAL A 16 -9.07 -11.78 -13.14
C VAL A 16 -7.81 -12.18 -12.39
N LEU A 17 -7.97 -12.60 -11.13
CA LEU A 17 -6.78 -12.90 -10.34
C LEU A 17 -6.04 -14.12 -10.89
N GLU A 18 -6.78 -15.14 -11.30
CA GLU A 18 -6.13 -16.35 -11.77
C GLU A 18 -5.34 -16.12 -13.05
N MET A 19 -5.84 -15.25 -13.93
CA MET A 19 -5.26 -15.05 -15.25
CA MET A 19 -5.26 -15.06 -15.25
C MET A 19 -4.25 -13.93 -15.29
N THR A 20 -4.20 -13.11 -14.27
CA THR A 20 -3.24 -11.99 -14.21
C THR A 20 -1.86 -12.51 -13.83
N PRO A 21 -0.80 -12.11 -14.53
CA PRO A 21 0.54 -12.57 -14.20
C PRO A 21 1.18 -11.75 -13.08
N VAL A 22 2.24 -12.31 -12.53
CA VAL A 22 3.14 -11.60 -11.63
C VAL A 22 4.29 -11.07 -12.47
N LEU A 23 4.57 -9.78 -12.34
CA LEU A 23 5.66 -9.20 -13.12
C LEU A 23 7.02 -9.69 -12.62
N GLY A 24 7.99 -9.54 -13.52
CA GLY A 24 9.39 -9.80 -13.22
C GLY A 24 9.97 -8.90 -12.17
N THR A 25 11.22 -9.14 -11.83
CA THR A 25 11.89 -8.42 -10.75
C THR A 25 12.96 -7.48 -11.30
N GLU A 26 13.35 -6.58 -10.42
CA GLU A 26 14.42 -5.64 -10.71
C GLU A 26 15.07 -5.26 -9.38
N ILE A 27 16.28 -4.75 -9.44
CA ILE A 27 16.97 -4.26 -8.25
C ILE A 27 16.75 -2.76 -8.13
N ILE A 28 16.34 -2.31 -6.94
CA ILE A 28 16.11 -0.90 -6.68
C ILE A 28 16.92 -0.44 -5.47
N ASN A 29 17.09 0.89 -5.39
CA ASN A 29 17.61 1.48 -4.16
C ASN A 29 16.53 1.44 -3.08
N TYR A 30 16.95 1.17 -1.83
CA TYR A 30 15.97 0.96 -0.78
CA TYR A 30 16.01 1.00 -0.73
C TYR A 30 15.08 2.19 -0.58
N ARG A 31 15.56 3.40 -0.86
CA ARG A 31 14.73 4.59 -0.69
C ARG A 31 13.52 4.59 -1.61
N ASP A 32 13.59 3.83 -2.70
CA ASP A 32 12.51 3.72 -3.67
C ASP A 32 11.61 2.56 -3.37
N GLY A 33 11.71 1.99 -2.17
CA GLY A 33 11.01 0.77 -1.86
C GLY A 33 9.56 0.90 -1.39
N MET A 34 9.00 2.10 -1.25
CA MET A 34 7.64 2.25 -0.73
CA MET A 34 7.66 2.21 -0.70
C MET A 34 6.65 1.48 -1.59
N GLY A 35 5.92 0.55 -0.99
CA GLY A 35 4.89 -0.20 -1.68
C GLY A 35 5.42 -1.35 -2.51
N ARG A 36 6.74 -1.52 -2.57
CA ARG A 36 7.32 -2.63 -3.31
C ARG A 36 7.21 -3.90 -2.50
N VAL A 37 7.28 -5.03 -3.20
CA VAL A 37 7.34 -6.35 -2.59
C VAL A 37 8.72 -6.93 -2.80
N LEU A 38 9.36 -7.35 -1.70
CA LEU A 38 10.67 -7.98 -1.76
C LEU A 38 10.57 -9.30 -2.50
N ALA A 39 11.52 -9.53 -3.41
CA ALA A 39 11.62 -10.79 -4.12
C ALA A 39 12.73 -11.68 -3.58
N GLN A 40 13.41 -11.24 -2.52
CA GLN A 40 14.48 -11.97 -1.86
C GLN A 40 14.33 -11.81 -0.36
N ASP A 41 14.81 -12.81 0.38
CA ASP A 41 15.05 -12.64 1.80
C ASP A 41 16.21 -11.67 2.01
N VAL A 42 16.14 -10.90 3.08
CA VAL A 42 17.17 -9.91 3.40
C VAL A 42 17.78 -10.28 4.75
N TYR A 43 19.11 -10.33 4.79
CA TYR A 43 19.87 -10.76 5.96
C TYR A 43 20.72 -9.62 6.51
N ALA A 44 20.87 -9.60 7.83
CA ALA A 44 21.78 -8.68 8.49
C ALA A 44 23.20 -9.18 8.37
N LYS A 45 24.13 -8.29 8.03
CA LYS A 45 25.53 -8.66 8.03
C LYS A 45 26.27 -8.20 9.29
N ASP A 46 25.61 -7.43 10.14
CA ASP A 46 26.17 -6.91 11.38
C ASP A 46 25.20 -7.18 12.51
N ASN A 47 25.74 -7.22 13.72
CA ASN A 47 24.92 -7.20 14.92
C ASN A 47 24.37 -5.79 15.19
N LEU A 48 23.17 -5.74 15.78
CA LEU A 48 22.63 -4.49 16.31
C LEU A 48 22.23 -4.73 17.76
N PRO A 49 22.78 -3.98 18.72
CA PRO A 49 23.93 -3.10 18.52
C PRO A 49 25.18 -3.91 18.23
N PRO A 50 26.18 -3.31 17.57
CA PRO A 50 27.42 -4.04 17.26
C PRO A 50 28.46 -4.02 18.38
N PHE A 51 28.16 -3.28 19.43
CA PHE A 51 28.91 -3.18 20.67
C PHE A 51 27.88 -3.20 21.78
N PRO A 52 28.26 -3.58 23.00
CA PRO A 52 27.29 -3.46 24.11
C PRO A 52 26.97 -1.98 24.36
N ALA A 53 25.68 -1.63 24.36
CA ALA A 53 25.27 -0.24 24.30
C ALA A 53 24.46 0.16 25.53
N SER A 54 24.73 1.35 26.05
CA SER A 54 23.94 1.83 27.18
C SER A 54 22.53 2.17 26.74
N VAL A 55 21.55 1.81 27.57
CA VAL A 55 20.16 2.23 27.41
C VAL A 55 19.89 3.58 28.06
N LYS A 56 20.81 4.08 28.90
CA LYS A 56 20.55 5.22 29.75
C LYS A 56 21.72 6.18 29.76
N ASP A 57 21.40 7.42 30.12
CA ASP A 57 22.38 8.36 30.62
C ASP A 57 22.66 8.01 32.08
N GLY A 58 23.94 7.80 32.40
CA GLY A 58 24.29 7.39 33.73
C GLY A 58 25.74 6.95 33.78
N TYR A 59 25.97 5.81 34.42
CA TYR A 59 27.31 5.32 34.68
C TYR A 59 27.38 3.82 34.43
N ALA A 60 28.45 3.40 33.78
CA ALA A 60 28.80 2.00 33.67
C ALA A 60 29.56 1.59 34.92
N VAL A 61 29.07 0.54 35.59
CA VAL A 61 29.54 0.13 36.91
C VAL A 61 29.87 -1.36 36.91
N ARG A 62 30.56 -1.79 37.97
CA ARG A 62 30.62 -3.21 38.35
C ARG A 62 29.48 -3.47 39.32
N ALA A 63 28.56 -4.36 38.95
CA ALA A 63 27.44 -4.67 39.85
C ALA A 63 27.97 -5.22 41.18
N ALA A 64 29.06 -6.00 41.15
CA ALA A 64 29.63 -6.57 42.36
C ALA A 64 30.12 -5.51 43.35
N ASP A 65 30.38 -4.27 42.91
CA ASP A 65 30.80 -3.24 43.86
C ASP A 65 29.65 -2.82 44.76
N GLY A 66 28.43 -3.02 44.32
CA GLY A 66 27.29 -2.58 45.09
C GLY A 66 27.17 -1.08 45.06
N PRO A 67 26.25 -0.57 45.87
CA PRO A 67 26.12 0.89 46.04
C PRO A 67 27.33 1.47 46.73
N GLY A 68 27.52 2.77 46.57
CA GLY A 68 28.59 3.46 47.27
C GLY A 68 29.21 4.54 46.44
N ASP A 69 30.33 5.06 46.93
CA ASP A 69 30.99 6.22 46.33
C ASP A 69 32.10 5.75 45.39
N ARG A 70 32.15 6.35 44.20
CA ARG A 70 32.97 5.83 43.11
CA ARG A 70 32.98 5.82 43.13
C ARG A 70 33.73 6.95 42.42
N PHE A 71 34.96 6.66 42.03
CA PHE A 71 35.73 7.56 41.18
C PHE A 71 35.31 7.38 39.73
N ILE A 72 35.10 8.50 39.05
CA ILE A 72 34.70 8.50 37.64
C ILE A 72 35.99 8.58 36.82
N ILE A 73 36.30 7.52 36.07
CA ILE A 73 37.60 7.47 35.40
C ILE A 73 37.55 8.08 34.02
N GLY A 74 36.37 8.41 33.53
CA GLY A 74 36.23 9.01 32.22
C GLY A 74 34.80 8.86 31.75
N GLU A 75 34.62 9.12 30.46
CA GLU A 75 33.30 9.09 29.84
C GLU A 75 33.36 8.28 28.55
N SER A 76 32.38 7.41 28.35
CA SER A 76 32.22 6.74 27.08
C SER A 76 31.35 7.64 26.22
N GLN A 77 31.88 8.06 25.08
CA GLN A 77 31.19 8.97 24.17
C GLN A 77 30.47 8.19 23.10
N ALA A 78 29.26 8.61 22.77
CA ALA A 78 28.56 8.05 21.61
C ALA A 78 29.48 8.12 20.39
N GLY A 79 29.60 7.00 19.69
CA GLY A 79 30.41 6.93 18.51
C GLY A 79 31.87 6.61 18.72
N GLU A 80 32.30 6.37 19.94
CA GLU A 80 33.72 6.13 20.23
C GLU A 80 33.86 4.91 21.13
N GLN A 81 34.70 3.98 20.73
CA GLN A 81 35.01 2.83 21.58
C GLN A 81 35.87 3.27 22.76
N PRO A 82 35.47 2.99 24.00
CA PRO A 82 36.35 3.32 25.13
C PRO A 82 37.61 2.49 25.09
N THR A 83 38.64 3.03 25.73
CA THR A 83 39.92 2.36 25.84
C THR A 83 40.26 1.96 27.27
N GLN A 84 39.61 2.56 28.25
CA GLN A 84 39.90 2.30 29.64
C GLN A 84 39.09 1.13 30.15
N THR A 85 39.65 0.45 31.14
CA THR A 85 38.97 -0.64 31.84
C THR A 85 38.53 -0.16 33.22
N VAL A 86 37.24 -0.34 33.51
CA VAL A 86 36.72 -0.05 34.84
C VAL A 86 37.21 -1.10 35.82
N MET A 87 37.80 -0.65 36.92
CA MET A 87 38.27 -1.51 37.99
C MET A 87 37.44 -1.28 39.24
N PRO A 88 37.58 -2.13 40.26
CA PRO A 88 36.75 -1.97 41.46
C PRO A 88 36.84 -0.57 42.04
N GLY A 89 35.67 -0.03 42.41
CA GLY A 89 35.58 1.30 42.99
C GLY A 89 35.49 2.41 41.98
N GLN A 90 35.44 2.07 40.69
CA GLN A 90 35.42 3.02 39.60
C GLN A 90 34.15 2.86 38.79
N VAL A 91 33.79 3.94 38.11
CA VAL A 91 32.72 3.92 37.11
C VAL A 91 33.15 4.78 35.93
N MET A 92 32.40 4.65 34.83
CA MET A 92 32.59 5.49 33.67
C MET A 92 31.26 6.11 33.31
N ARG A 93 31.25 7.41 33.05
CA ARG A 93 30.03 8.06 32.57
C ARG A 93 29.66 7.49 31.21
N VAL A 94 28.35 7.31 30.97
CA VAL A 94 27.86 6.86 29.67
C VAL A 94 26.64 7.68 29.29
N THR A 95 26.40 7.77 27.99
CA THR A 95 25.16 8.34 27.47
C THR A 95 24.42 7.27 26.70
N THR A 96 23.14 7.52 26.43
CA THR A 96 22.33 6.54 25.73
C THR A 96 22.90 6.26 24.36
N GLY A 97 23.15 4.99 24.08
CA GLY A 97 23.70 4.59 22.79
C GLY A 97 25.20 4.48 22.77
N ALA A 98 25.88 4.87 23.83
CA ALA A 98 27.32 4.78 23.91
C ALA A 98 27.76 3.37 24.28
N PRO A 99 28.99 2.99 23.93
CA PRO A 99 29.46 1.64 24.25
C PRO A 99 29.83 1.48 25.72
N ILE A 100 29.62 0.26 26.20
CA ILE A 100 30.00 -0.08 27.58
C ILE A 100 31.49 -0.41 27.62
N PRO A 101 32.25 0.18 28.54
CA PRO A 101 33.69 -0.11 28.61
C PRO A 101 33.95 -1.49 29.19
N CYS A 102 35.15 -1.98 28.89
CA CYS A 102 35.66 -3.18 29.53
CA CYS A 102 35.66 -3.18 29.53
C CYS A 102 35.63 -3.01 31.05
N GLY A 103 35.31 -4.08 31.75
CA GLY A 103 35.28 -4.08 33.20
C GLY A 103 33.93 -3.70 33.83
N ALA A 104 33.00 -3.14 33.07
CA ALA A 104 31.68 -2.80 33.59
C ALA A 104 30.69 -3.85 33.10
N ASP A 105 29.71 -4.19 33.94
CA ASP A 105 28.71 -5.15 33.54
C ASP A 105 27.28 -4.66 33.76
N ALA A 106 27.10 -3.39 34.13
CA ALA A 106 25.76 -2.84 34.34
C ALA A 106 25.81 -1.33 34.16
N VAL A 107 24.66 -0.75 33.86
CA VAL A 107 24.52 0.70 33.83
C VAL A 107 23.55 1.10 34.92
N VAL A 108 23.91 2.15 35.66
CA VAL A 108 23.04 2.79 36.63
C VAL A 108 22.66 4.15 36.06
N GLN A 109 21.35 4.38 35.89
CA GLN A 109 20.90 5.65 35.35
C GLN A 109 21.18 6.79 36.32
N VAL A 110 21.35 7.99 35.78
CA VAL A 110 21.79 9.14 36.57
C VAL A 110 20.82 9.45 37.70
N GLU A 111 19.53 9.18 37.51
CA GLU A 111 18.54 9.42 38.54
C GLU A 111 18.76 8.57 39.80
N ASP A 112 19.50 7.47 39.68
CA ASP A 112 19.83 6.61 40.82
C ASP A 112 21.22 6.91 41.38
N THR A 113 21.67 8.15 41.22
CA THR A 113 22.98 8.59 41.67
C THR A 113 22.90 10.00 42.21
N GLU A 114 23.95 10.39 42.93
CA GLU A 114 24.16 11.77 43.36
C GLU A 114 25.61 12.13 43.11
N LEU A 115 25.84 13.30 42.53
CA LEU A 115 27.18 13.76 42.27
C LEU A 115 27.85 14.20 43.56
N ILE A 116 29.11 13.83 43.73
CA ILE A 116 29.90 14.25 44.89
C ILE A 116 30.84 15.40 44.54
N ARG A 117 31.67 15.23 43.51
CA ARG A 117 32.70 16.22 43.18
C ARG A 117 32.77 16.38 41.67
N GLU A 118 33.02 17.62 41.24
N GLU A 118 33.02 17.62 41.24
CA GLU A 118 33.28 17.94 39.86
CA GLU A 118 33.28 17.94 39.86
C GLU A 118 34.47 18.89 39.80
C GLU A 118 34.48 18.87 39.81
N SER A 119 35.04 19.06 38.61
N SER A 119 35.04 19.07 38.62
CA SER A 119 36.15 19.98 38.48
CA SER A 119 36.16 19.98 38.47
C SER A 119 35.73 21.40 38.82
C SER A 119 35.73 21.40 38.82
N ASP A 120 36.71 22.21 39.25
CA ASP A 120 36.43 23.61 39.57
C ASP A 120 35.69 24.29 38.43
N ASP A 121 36.20 24.13 37.21
CA ASP A 121 35.38 24.32 36.01
C ASP A 121 34.36 23.21 35.94
N GLY A 122 33.09 23.52 36.21
CA GLY A 122 32.07 22.51 36.34
C GLY A 122 31.78 21.73 35.07
N THR A 123 32.82 21.35 34.33
CA THR A 123 32.66 20.66 33.06
C THR A 123 33.01 19.18 33.13
N GLU A 124 33.49 18.70 34.28
CA GLU A 124 33.94 17.33 34.43
C GLU A 124 33.47 16.78 35.76
N GLU A 125 32.76 15.66 35.74
CA GLU A 125 32.38 14.96 36.95
C GLU A 125 33.54 14.07 37.41
N LEU A 126 33.80 14.05 38.73
CA LEU A 126 34.95 13.33 39.29
C LEU A 126 34.57 12.19 40.22
N GLU A 127 33.49 12.33 40.98
CA GLU A 127 33.12 11.32 41.97
C GLU A 127 31.61 11.31 42.09
N VAL A 128 31.03 10.12 42.19
CA VAL A 128 29.59 9.96 42.19
C VAL A 128 29.19 8.88 43.19
N ARG A 129 28.03 9.06 43.79
CA ARG A 129 27.44 8.09 44.69
C ARG A 129 26.42 7.25 43.92
N ILE A 130 26.64 5.95 43.88
CA ILE A 130 25.70 4.99 43.30
C ILE A 130 24.73 4.54 44.38
N LEU A 131 23.43 4.82 44.20
CA LEU A 131 22.46 4.62 45.27
C LEU A 131 21.74 3.28 45.23
N VAL A 132 21.93 2.49 44.18
CA VAL A 132 21.22 1.24 44.02
C VAL A 132 22.20 0.09 43.85
N GLN A 133 21.67 -1.11 44.08
CA GLN A 133 22.34 -2.35 43.74
C GLN A 133 21.91 -2.76 42.33
N ALA A 134 22.81 -2.62 41.37
CA ALA A 134 22.46 -2.98 40.01
C ALA A 134 22.51 -4.48 39.84
N ARG A 135 21.72 -4.98 38.88
CA ARG A 135 21.86 -6.37 38.47
C ARG A 135 22.77 -6.48 37.26
N PRO A 136 23.62 -7.50 37.18
CA PRO A 136 24.45 -7.66 35.98
C PRO A 136 23.58 -7.59 34.73
N GLY A 137 24.05 -6.80 33.77
CA GLY A 137 23.35 -6.60 32.52
C GLY A 137 22.32 -5.48 32.51
N GLN A 138 22.01 -4.87 33.64
CA GLN A 138 20.90 -3.92 33.62
C GLN A 138 21.23 -2.69 32.79
N ASP A 139 20.25 -2.26 31.99
CA ASP A 139 20.32 -1.07 31.18
C ASP A 139 21.46 -1.13 30.18
N ILE A 140 21.77 -2.35 29.74
CA ILE A 140 22.70 -2.60 28.64
C ILE A 140 21.98 -3.42 27.57
N ARG A 141 22.14 -3.01 26.30
CA ARG A 141 21.77 -3.84 25.15
C ARG A 141 23.02 -4.63 24.75
N PRO A 142 23.10 -5.93 25.01
CA PRO A 142 24.28 -6.68 24.58
C PRO A 142 24.40 -6.71 23.07
N ILE A 143 25.60 -7.04 22.59
CA ILE A 143 25.83 -7.21 21.16
C ILE A 143 24.77 -8.15 20.61
N GLY A 144 24.12 -7.72 19.52
CA GLY A 144 23.14 -8.55 18.85
C GLY A 144 21.80 -8.64 19.54
N HIS A 145 21.56 -7.83 20.57
CA HIS A 145 20.29 -7.93 21.29
C HIS A 145 19.10 -7.72 20.37
N ASP A 146 19.21 -6.77 19.45
CA ASP A 146 18.09 -6.41 18.59
C ASP A 146 18.10 -7.15 17.26
N ILE A 147 19.27 -7.27 16.65
CA ILE A 147 19.48 -8.00 15.40
C ILE A 147 20.80 -8.73 15.49
N LYS A 148 20.83 -9.98 15.05
CA LYS A 148 22.05 -10.74 15.02
C LYS A 148 22.59 -10.84 13.61
N ARG A 149 23.92 -10.74 13.48
CA ARG A 149 24.55 -11.06 12.22
C ARG A 149 24.06 -12.40 11.72
N GLY A 150 23.67 -12.44 10.45
CA GLY A 150 23.15 -13.64 9.83
C GLY A 150 21.66 -13.82 9.93
N GLU A 151 20.98 -13.01 10.72
CA GLU A 151 19.53 -13.13 10.89
C GLU A 151 18.82 -12.65 9.64
N CYS A 152 17.77 -13.37 9.24
CA CYS A 152 16.87 -12.87 8.19
C CYS A 152 15.94 -11.84 8.82
N VAL A 153 16.08 -10.58 8.42
CA VAL A 153 15.28 -9.50 9.00
C VAL A 153 14.03 -9.18 8.20
N LEU A 154 14.02 -9.48 6.90
CA LEU A 154 12.82 -9.32 6.06
C LEU A 154 12.71 -10.50 5.12
N ALA A 155 11.50 -11.07 5.04
CA ALA A 155 11.27 -12.21 4.18
C ALA A 155 10.80 -11.78 2.80
N LYS A 156 11.17 -12.57 1.79
CA LYS A 156 10.55 -12.38 0.48
C LYS A 156 9.03 -12.40 0.61
N GLY A 157 8.38 -11.55 -0.17
CA GLY A 157 6.93 -11.42 -0.12
C GLY A 157 6.47 -10.26 0.74
N THR A 158 7.38 -9.65 1.49
CA THR A 158 7.02 -8.52 2.34
C THR A 158 6.69 -7.30 1.48
N HIS A 159 5.54 -6.72 1.76
CA HIS A 159 5.06 -5.50 1.13
C HIS A 159 5.50 -4.31 1.98
N MET A 160 6.46 -3.55 1.50
CA MET A 160 7.21 -2.64 2.34
C MET A 160 6.54 -1.28 2.53
N GLY A 161 6.61 -0.80 3.76
CA GLY A 161 6.30 0.54 4.14
C GLY A 161 7.49 1.19 4.83
N PRO A 162 7.25 2.33 5.50
CA PRO A 162 8.38 3.12 6.05
C PRO A 162 9.26 2.35 7.00
N SER A 163 8.68 1.52 7.87
CA SER A 163 9.49 0.81 8.85
C SER A 163 10.37 -0.24 8.20
N GLU A 164 9.91 -0.87 7.12
CA GLU A 164 10.75 -1.82 6.39
C GLU A 164 11.91 -1.10 5.70
N ILE A 165 11.66 0.08 5.13
CA ILE A 165 12.73 0.90 4.57
CA ILE A 165 12.74 0.89 4.57
C ILE A 165 13.75 1.23 5.65
N GLY A 166 13.26 1.61 6.84
CA GLY A 166 14.16 1.90 7.94
C GLY A 166 14.97 0.70 8.37
N LEU A 167 14.39 -0.49 8.29
CA LEU A 167 15.11 -1.72 8.62
C LEU A 167 16.21 -1.99 7.59
N LEU A 168 15.92 -1.79 6.30
CA LEU A 168 16.96 -1.92 5.28
C LEU A 168 18.10 -0.95 5.55
N ALA A 169 17.78 0.28 5.95
CA ALA A 169 18.82 1.25 6.28
C ALA A 169 19.65 0.76 7.46
N THR A 170 18.98 0.25 8.49
CA THR A 170 19.65 -0.25 9.69
C THR A 170 20.71 -1.28 9.36
N VAL A 171 20.34 -2.27 8.51
CA VAL A 171 21.25 -3.37 8.20
C VAL A 171 22.16 -3.07 7.03
N GLY A 172 22.03 -1.88 6.43
CA GLY A 172 22.92 -1.48 5.34
C GLY A 172 22.68 -2.18 4.03
N VAL A 173 21.48 -2.71 3.82
CA VAL A 173 21.14 -3.37 2.57
C VAL A 173 20.40 -2.32 1.74
N THR A 174 21.16 -1.58 0.95
CA THR A 174 20.65 -0.42 0.27
C THR A 174 20.14 -0.73 -1.12
N GLU A 175 20.37 -1.94 -1.62
CA GLU A 175 19.90 -2.38 -2.94
CA GLU A 175 19.82 -2.32 -2.91
C GLU A 175 19.17 -3.69 -2.74
N VAL A 176 17.92 -3.78 -3.22
CA VAL A 176 17.09 -4.95 -3.01
C VAL A 176 16.34 -5.34 -4.26
N GLU A 177 16.15 -6.63 -4.42
CA GLU A 177 15.35 -7.18 -5.51
C GLU A 177 13.88 -7.15 -5.13
N VAL A 178 13.05 -6.60 -6.03
CA VAL A 178 11.61 -6.42 -5.83
C VAL A 178 10.90 -6.73 -7.14
N ASN A 179 9.60 -7.01 -7.04
CA ASN A 179 8.82 -7.06 -8.28
C ASN A 179 8.67 -5.67 -8.89
N LYS A 180 8.66 -5.64 -10.21
CA LYS A 180 8.30 -4.43 -10.94
C LYS A 180 6.88 -3.99 -10.64
N PHE A 181 6.64 -2.67 -10.81
CA PHE A 181 5.27 -2.15 -10.84
C PHE A 181 4.72 -2.21 -12.25
N PRO A 182 3.43 -2.46 -12.40
CA PRO A 182 2.84 -2.42 -13.75
C PRO A 182 2.76 -1.01 -14.29
N VAL A 183 3.07 -0.88 -15.57
CA VAL A 183 2.82 0.32 -16.34
C VAL A 183 1.42 0.18 -16.94
N VAL A 184 0.54 1.15 -16.68
CA VAL A 184 -0.87 1.05 -17.02
C VAL A 184 -1.22 2.16 -18.00
N ALA A 185 -1.65 1.78 -19.20
CA ALA A 185 -2.09 2.71 -20.22
C ALA A 185 -3.61 2.85 -20.16
N VAL A 186 -4.10 4.08 -20.32
CA VAL A 186 -5.52 4.38 -20.25
C VAL A 186 -5.95 5.14 -21.50
N MET A 187 -7.01 4.67 -22.14
CA MET A 187 -7.62 5.39 -23.26
C MET A 187 -9.11 5.53 -23.03
N SER A 188 -9.68 6.60 -23.57
CA SER A 188 -11.12 6.77 -23.64
C SER A 188 -11.58 6.56 -25.08
N THR A 189 -12.84 6.21 -25.26
CA THR A 189 -13.38 5.97 -26.61
C THR A 189 -14.70 6.69 -26.78
N GLY A 190 -14.91 7.22 -27.98
CA GLY A 190 -16.22 7.75 -28.34
C GLY A 190 -16.12 8.98 -29.22
N ASN A 191 -16.90 9.02 -30.29
CA ASN A 191 -16.90 10.17 -31.19
C ASN A 191 -17.42 11.43 -30.52
N GLU A 192 -18.12 11.32 -29.40
CA GLU A 192 -18.66 12.49 -28.72
C GLU A 192 -17.69 13.14 -27.75
N LEU A 193 -16.52 12.56 -27.52
CA LEU A 193 -15.63 13.03 -26.47
C LEU A 193 -14.66 14.10 -26.94
N LEU A 194 -14.52 15.12 -26.12
CA LEU A 194 -13.52 16.17 -26.21
C LEU A 194 -12.55 16.08 -25.04
N ASN A 195 -11.40 16.71 -25.19
CA ASN A 195 -10.50 16.75 -24.07
C ASN A 195 -10.99 17.70 -22.99
N PRO A 196 -10.59 17.48 -21.74
CA PRO A 196 -10.97 18.41 -20.67
C PRO A 196 -10.64 19.85 -20.97
N GLU A 197 -9.57 20.08 -21.74
CA GLU A 197 -9.08 21.40 -22.11
C GLU A 197 -9.91 22.09 -23.19
N ASP A 198 -10.89 21.40 -23.79
CA ASP A 198 -11.68 21.92 -24.90
C ASP A 198 -12.93 22.62 -24.42
N ASP A 199 -13.32 23.69 -25.11
CA ASP A 199 -14.69 24.17 -25.02
C ASP A 199 -15.62 23.20 -25.73
N LEU A 200 -16.87 23.15 -25.28
CA LEU A 200 -17.82 22.23 -25.89
C LEU A 200 -18.17 22.65 -27.32
N LEU A 201 -18.48 21.65 -28.13
CA LEU A 201 -18.97 21.77 -29.48
C LEU A 201 -20.29 21.02 -29.55
N PRO A 202 -21.13 21.31 -30.52
CA PRO A 202 -22.45 20.65 -30.58
C PRO A 202 -22.33 19.14 -30.59
N GLY A 203 -23.17 18.49 -29.76
CA GLY A 203 -23.23 17.05 -29.66
C GLY A 203 -22.13 16.40 -28.86
N LYS A 204 -21.25 17.19 -28.22
CA LYS A 204 -20.05 16.67 -27.58
CA LYS A 204 -20.07 16.63 -27.58
CA LYS A 204 -20.05 16.66 -27.59
C LYS A 204 -20.05 16.95 -26.09
N ILE A 205 -19.24 16.15 -25.37
CA ILE A 205 -19.02 16.27 -23.94
C ILE A 205 -17.53 16.08 -23.68
N ARG A 206 -17.08 16.45 -22.48
CA ARG A 206 -15.68 16.24 -22.11
C ARG A 206 -15.47 14.83 -21.57
N ASP A 207 -14.36 14.24 -21.98
CA ASP A 207 -13.83 12.99 -21.45
C ASP A 207 -13.46 13.16 -19.98
N SER A 208 -14.17 12.49 -19.08
CA SER A 208 -13.78 12.48 -17.67
C SER A 208 -13.15 11.15 -17.26
N ASN A 209 -13.53 10.04 -17.91
CA ASN A 209 -13.07 8.73 -17.43
C ASN A 209 -11.56 8.64 -17.44
N ARG A 210 -10.91 9.17 -18.46
CA ARG A 210 -9.45 9.03 -18.54
C ARG A 210 -8.80 9.65 -17.30
N SER A 211 -9.23 10.85 -16.93
CA SER A 211 -8.70 11.52 -15.74
C SER A 211 -8.99 10.71 -14.49
N THR A 212 -10.23 10.27 -14.33
CA THR A 212 -10.61 9.56 -13.10
C THR A 212 -9.85 8.24 -12.97
N LEU A 213 -9.73 7.50 -14.07
CA LEU A 213 -9.04 6.22 -14.07
C LEU A 213 -7.55 6.40 -13.85
N LEU A 214 -6.92 7.34 -14.56
CA LEU A 214 -5.50 7.61 -14.35
C LEU A 214 -5.24 8.01 -12.91
N ALA A 215 -6.08 8.88 -12.34
CA ALA A 215 -5.88 9.31 -10.96
C ALA A 215 -6.04 8.14 -9.99
N THR A 216 -6.97 7.24 -10.27
CA THR A 216 -7.18 6.08 -9.41
C THR A 216 -5.92 5.21 -9.42
N ILE A 217 -5.37 4.96 -10.60
CA ILE A 217 -4.18 4.13 -10.70
CA ILE A 217 -4.18 4.13 -10.70
C ILE A 217 -2.98 4.81 -10.03
N GLN A 218 -2.82 6.11 -10.27
CA GLN A 218 -1.72 6.86 -9.68
C GLN A 218 -1.81 6.87 -8.15
N GLU A 219 -3.03 6.92 -7.62
CA GLU A 219 -3.21 6.93 -6.17
C GLU A 219 -2.62 5.69 -5.54
N HIS A 220 -2.59 4.59 -6.29
CA HIS A 220 -2.02 3.33 -5.81
C HIS A 220 -0.53 3.21 -6.12
N GLY A 221 0.05 4.21 -6.76
CA GLY A 221 1.49 4.29 -6.89
C GLY A 221 2.04 3.76 -8.19
N TYR A 222 1.20 3.41 -9.14
CA TYR A 222 1.67 2.77 -10.37
C TYR A 222 1.87 3.77 -11.49
N PRO A 223 2.93 3.59 -12.30
CA PRO A 223 3.14 4.48 -13.44
C PRO A 223 2.08 4.30 -14.52
N THR A 224 1.74 5.42 -15.17
CA THR A 224 0.66 5.43 -16.14
C THR A 224 1.10 6.03 -17.47
N ILE A 225 0.34 5.67 -18.50
CA ILE A 225 0.50 6.21 -19.85
C ILE A 225 -0.86 6.68 -20.33
N ASN A 226 -0.91 7.89 -20.84
CA ASN A 226 -2.15 8.50 -21.31
C ASN A 226 -2.26 8.26 -22.82
N LEU A 227 -3.19 7.42 -23.24
CA LEU A 227 -3.35 7.11 -24.66
C LEU A 227 -4.44 7.96 -25.33
N GLY A 228 -4.99 8.91 -24.63
CA GLY A 228 -5.92 9.85 -25.24
C GLY A 228 -7.31 9.30 -25.55
N ILE A 229 -7.97 10.00 -26.47
CA ILE A 229 -9.32 9.70 -26.92
C ILE A 229 -9.23 9.01 -28.27
N VAL A 230 -9.97 7.93 -28.44
CA VAL A 230 -10.03 7.18 -29.70
C VAL A 230 -11.47 7.16 -30.18
N GLY A 231 -11.67 7.40 -31.48
CA GLY A 231 -13.00 7.38 -32.04
CA GLY A 231 -13.00 7.38 -32.04
C GLY A 231 -13.57 5.97 -32.15
N ASP A 232 -14.86 5.91 -32.46
CA ASP A 232 -15.60 4.67 -32.61
C ASP A 232 -15.35 4.10 -34.01
N ASN A 233 -14.13 3.63 -34.21
CA ASN A 233 -13.89 2.91 -35.45
C ASN A 233 -12.78 1.89 -35.24
N PRO A 234 -12.87 0.74 -35.92
CA PRO A 234 -11.99 -0.39 -35.56
C PRO A 234 -10.52 -0.12 -35.85
N ASP A 235 -10.21 0.58 -36.94
CA ASP A 235 -8.81 0.86 -37.27
C ASP A 235 -8.13 1.67 -36.17
N ASP A 236 -8.76 2.76 -35.74
CA ASP A 236 -8.16 3.60 -34.70
C ASP A 236 -8.06 2.85 -33.38
N LEU A 237 -9.08 2.05 -33.05
CA LEU A 237 -9.03 1.29 -31.82
C LEU A 237 -7.89 0.27 -31.85
N LEU A 238 -7.73 -0.44 -32.98
CA LEU A 238 -6.63 -1.40 -33.08
C LEU A 238 -5.30 -0.71 -32.92
N ASN A 239 -5.11 0.43 -33.59
CA ASN A 239 -3.82 1.11 -33.52
C ASN A 239 -3.52 1.56 -32.10
N ALA A 240 -4.55 2.04 -31.38
CA ALA A 240 -4.33 2.52 -30.02
C ALA A 240 -4.04 1.34 -29.08
N LEU A 241 -4.71 0.21 -29.29
CA LEU A 241 -4.44 -0.97 -28.48
C LEU A 241 -3.02 -1.45 -28.73
N ASN A 242 -2.58 -1.45 -30.00
CA ASN A 242 -1.23 -1.89 -30.30
C ASN A 242 -0.19 -0.99 -29.63
N GLU A 243 -0.48 0.31 -29.54
CA GLU A 243 0.44 1.20 -28.86
C GLU A 243 0.48 0.89 -27.37
N GLY A 244 -0.70 0.67 -26.78
CA GLY A 244 -0.76 0.30 -25.37
C GLY A 244 0.00 -0.97 -25.08
N ILE A 245 -0.13 -1.96 -25.97
CA ILE A 245 0.53 -3.25 -25.80
CA ILE A 245 0.53 -3.25 -25.81
C ILE A 245 2.04 -3.07 -25.82
N SER A 246 2.53 -2.18 -26.69
CA SER A 246 3.98 -1.95 -26.78
C SER A 246 4.51 -1.23 -25.57
N ARG A 247 3.76 -0.24 -25.09
CA ARG A 247 4.23 0.70 -24.06
C ARG A 247 3.93 0.27 -22.65
N ALA A 248 2.99 -0.66 -22.44
CA ALA A 248 2.46 -0.89 -21.11
C ALA A 248 2.27 -2.38 -20.85
N ASP A 249 2.09 -2.70 -19.56
CA ASP A 249 1.78 -4.04 -19.14
C ASP A 249 0.29 -4.29 -19.09
N VAL A 250 -0.48 -3.23 -18.88
CA VAL A 250 -1.92 -3.26 -18.69
C VAL A 250 -2.51 -2.16 -19.54
N ILE A 251 -3.59 -2.46 -20.24
CA ILE A 251 -4.31 -1.47 -21.03
C ILE A 251 -5.74 -1.39 -20.47
N ILE A 252 -6.18 -0.17 -20.12
CA ILE A 252 -7.54 0.10 -19.70
CA ILE A 252 -7.53 0.10 -19.69
C ILE A 252 -8.19 0.97 -20.74
N THR A 253 -9.34 0.54 -21.25
CA THR A 253 -10.19 1.34 -22.10
C THR A 253 -11.50 1.58 -21.34
N SER A 254 -12.25 2.60 -21.75
CA SER A 254 -13.63 2.70 -21.32
C SER A 254 -14.50 3.05 -22.52
N GLY A 255 -15.77 2.66 -22.43
CA GLY A 255 -16.71 2.91 -23.49
C GLY A 255 -16.73 1.83 -24.55
N GLY A 256 -17.81 1.80 -25.32
CA GLY A 256 -17.85 0.94 -26.49
C GLY A 256 -17.90 -0.55 -26.25
N VAL A 257 -18.37 -1.01 -25.07
CA VAL A 257 -18.43 -2.44 -24.76
C VAL A 257 -19.84 -2.98 -24.61
N SER A 258 -20.86 -2.17 -24.80
CA SER A 258 -22.21 -2.71 -24.83
C SER A 258 -22.48 -3.22 -26.25
N MET A 259 -23.73 -3.43 -26.60
CA MET A 259 -24.09 -4.02 -27.89
C MET A 259 -24.50 -2.97 -28.91
N GLY A 260 -24.11 -1.72 -28.73
CA GLY A 260 -24.57 -0.67 -29.62
C GLY A 260 -23.96 -0.75 -31.00
N GLU A 261 -24.57 -0.03 -31.94
CA GLU A 261 -24.19 -0.15 -33.34
C GLU A 261 -22.73 0.23 -33.57
N LYS A 262 -22.20 1.18 -32.79
CA LYS A 262 -20.83 1.63 -32.94
C LYS A 262 -19.94 1.23 -31.77
N ASP A 263 -20.30 0.16 -31.06
CA ASP A 263 -19.47 -0.41 -29.99
C ASP A 263 -18.58 -1.48 -30.62
N TYR A 264 -17.30 -1.17 -30.82
CA TYR A 264 -16.41 -2.02 -31.61
C TYR A 264 -15.34 -2.75 -30.79
N LEU A 265 -15.20 -2.45 -29.49
CA LEU A 265 -14.02 -2.90 -28.78
C LEU A 265 -13.91 -4.43 -28.76
N LYS A 266 -15.00 -5.12 -28.47
CA LYS A 266 -14.95 -6.58 -28.34
CA LYS A 266 -14.91 -6.57 -28.33
C LYS A 266 -14.58 -7.23 -29.67
N GLN A 267 -15.13 -6.72 -30.78
CA GLN A 267 -14.76 -7.22 -32.09
C GLN A 267 -13.26 -7.04 -32.35
N VAL A 268 -12.74 -5.85 -32.06
CA VAL A 268 -11.32 -5.59 -32.30
C VAL A 268 -10.47 -6.50 -31.44
N LEU A 269 -10.82 -6.66 -30.17
CA LEU A 269 -10.03 -7.51 -29.28
C LEU A 269 -9.93 -8.93 -29.81
N ASP A 270 -11.05 -9.47 -30.26
CA ASP A 270 -11.11 -10.85 -30.70
C ASP A 270 -10.57 -11.00 -32.11
N ILE A 271 -11.20 -10.34 -33.08
CA ILE A 271 -10.92 -10.61 -34.48
C ILE A 271 -9.56 -10.03 -34.90
N ASP A 272 -9.25 -8.83 -34.41
CA ASP A 272 -8.07 -8.13 -34.92
C ASP A 272 -6.86 -8.34 -34.05
N LEU A 273 -7.01 -8.27 -32.74
CA LEU A 273 -5.90 -8.47 -31.83
CA LEU A 273 -5.89 -8.48 -31.83
C LEU A 273 -5.68 -9.93 -31.47
N HIS A 274 -6.70 -10.78 -31.60
CA HIS A 274 -6.59 -12.19 -31.27
C HIS A 274 -6.37 -12.41 -29.78
N ALA A 275 -6.87 -11.46 -28.98
CA ALA A 275 -6.84 -11.60 -27.54
C ALA A 275 -7.91 -12.59 -27.09
N GLN A 276 -7.68 -13.18 -25.92
CA GLN A 276 -8.61 -14.12 -25.33
C GLN A 276 -9.50 -13.35 -24.36
N ILE A 277 -10.78 -13.24 -24.70
CA ILE A 277 -11.75 -12.53 -23.86
C ILE A 277 -12.29 -13.56 -22.86
N HIS A 278 -11.96 -13.36 -21.59
CA HIS A 278 -12.36 -14.30 -20.55
C HIS A 278 -13.78 -14.04 -20.08
N PHE A 279 -14.20 -12.79 -20.04
CA PHE A 279 -15.61 -12.47 -19.89
C PHE A 279 -15.87 -11.13 -20.55
N GLY A 280 -17.13 -10.97 -21.00
CA GLY A 280 -17.57 -9.77 -21.71
C GLY A 280 -18.79 -9.14 -21.09
N ARG A 281 -19.40 -9.82 -20.11
CA ARG A 281 -20.47 -9.23 -19.32
C ARG A 281 -20.37 -9.80 -17.91
N VAL A 282 -20.76 -8.99 -16.93
CA VAL A 282 -20.73 -9.39 -15.53
C VAL A 282 -22.09 -9.05 -14.92
N PHE A 283 -22.65 -9.99 -14.15
CA PHE A 283 -23.93 -9.79 -13.49
C PHE A 283 -23.71 -8.93 -12.24
N MET A 284 -23.65 -7.61 -12.46
CA MET A 284 -23.34 -6.66 -11.41
C MET A 284 -23.99 -5.33 -11.78
N LYS A 285 -24.20 -4.50 -10.77
CA LYS A 285 -24.80 -3.18 -10.96
C LYS A 285 -23.97 -2.14 -10.21
N PRO A 286 -23.40 -1.13 -10.87
CA PRO A 286 -23.28 -0.95 -12.32
C PRO A 286 -22.19 -1.87 -12.87
N GLY A 287 -22.03 -1.92 -14.18
CA GLY A 287 -20.88 -2.62 -14.77
C GLY A 287 -21.20 -3.81 -15.64
N LEU A 288 -22.44 -3.92 -16.13
CA LEU A 288 -22.83 -5.09 -16.90
C LEU A 288 -21.90 -5.44 -18.07
N PRO A 289 -21.37 -4.50 -18.86
CA PRO A 289 -20.58 -4.89 -20.04
C PRO A 289 -19.09 -5.00 -19.82
N THR A 290 -18.64 -5.02 -18.57
CA THR A 290 -17.22 -5.07 -18.25
C THR A 290 -16.57 -6.28 -18.91
N THR A 291 -15.40 -6.05 -19.50
CA THR A 291 -14.72 -7.04 -20.32
C THR A 291 -13.26 -7.16 -19.88
N PHE A 292 -12.78 -8.40 -19.84
CA PHE A 292 -11.43 -8.71 -19.39
C PHE A 292 -10.81 -9.67 -20.40
N ALA A 293 -9.63 -9.31 -20.92
CA ALA A 293 -8.95 -10.10 -21.92
C ALA A 293 -7.46 -10.20 -21.58
N THR A 294 -6.85 -11.29 -22.04
CA THR A 294 -5.40 -11.44 -22.00
C THR A 294 -4.87 -11.61 -23.42
N LEU A 295 -3.62 -11.22 -23.61
CA LEU A 295 -2.97 -11.37 -24.90
C LEU A 295 -1.56 -11.85 -24.61
N ASP A 296 -1.26 -13.06 -25.07
CA ASP A 296 0.05 -13.65 -24.88
C ASP A 296 0.90 -13.44 -26.13
N ILE A 297 1.96 -12.67 -25.99
CA ILE A 297 2.81 -12.33 -27.12
C ILE A 297 4.26 -12.39 -26.67
N ASP A 298 5.08 -13.14 -27.41
CA ASP A 298 6.51 -13.23 -27.15
C ASP A 298 6.79 -13.67 -25.72
N GLY A 299 6.00 -14.63 -25.22
CA GLY A 299 6.18 -15.13 -23.88
C GLY A 299 5.76 -14.19 -22.77
N VAL A 300 5.05 -13.12 -23.10
CA VAL A 300 4.60 -12.13 -22.14
C VAL A 300 3.07 -12.07 -22.17
N ARG A 301 2.45 -11.96 -21.00
CA ARG A 301 1.00 -11.85 -20.94
C ARG A 301 0.63 -10.41 -20.66
N LYS A 302 -0.05 -9.79 -21.63
CA LYS A 302 -0.66 -8.48 -21.48
C LYS A 302 -2.08 -8.64 -20.97
N ILE A 303 -2.51 -7.65 -20.18
N ILE A 303 -2.53 -7.75 -20.11
CA ILE A 303 -3.82 -7.60 -19.53
CA ILE A 303 -3.92 -7.80 -19.69
C ILE A 303 -4.60 -6.43 -20.10
C ILE A 303 -4.62 -6.50 -20.06
N ILE A 304 -5.87 -6.66 -20.47
CA ILE A 304 -6.70 -5.62 -21.05
C ILE A 304 -8.03 -5.62 -20.32
N PHE A 305 -8.40 -4.47 -19.77
CA PHE A 305 -9.70 -4.25 -19.18
C PHE A 305 -10.42 -3.24 -20.06
N ALA A 306 -11.56 -3.66 -20.61
CA ALA A 306 -12.43 -2.77 -21.38
C ALA A 306 -13.63 -2.48 -20.51
N LEU A 307 -13.58 -1.32 -19.83
CA LEU A 307 -14.56 -0.96 -18.84
C LEU A 307 -15.75 -0.26 -19.48
N PRO A 308 -16.89 -0.22 -18.81
N PRO A 308 -16.90 -0.22 -18.80
CA PRO A 308 -18.05 0.50 -19.37
CA PRO A 308 -18.05 0.51 -19.35
C PRO A 308 -17.77 1.99 -19.48
C PRO A 308 -17.75 2.00 -19.49
N GLY A 309 -18.49 2.63 -20.41
CA GLY A 309 -18.33 4.05 -20.62
C GLY A 309 -18.96 4.93 -19.56
N ASN A 310 -20.04 4.50 -18.95
CA ASN A 310 -20.69 5.35 -17.96
C ASN A 310 -19.68 5.72 -16.88
N PRO A 311 -19.50 7.01 -16.56
CA PRO A 311 -18.42 7.37 -15.64
C PRO A 311 -18.47 6.68 -14.28
N VAL A 312 -19.65 6.50 -13.69
CA VAL A 312 -19.74 5.81 -12.42
C VAL A 312 -19.37 4.34 -12.57
N SER A 313 -19.88 3.69 -13.63
CA SER A 313 -19.49 2.30 -13.90
C SER A 313 -17.99 2.16 -14.05
N ALA A 314 -17.37 3.08 -14.78
CA ALA A 314 -15.94 2.98 -15.04
C ALA A 314 -15.14 3.02 -13.74
N VAL A 315 -15.44 3.97 -12.85
CA VAL A 315 -14.63 4.06 -11.63
C VAL A 315 -14.94 2.89 -10.68
N VAL A 316 -16.19 2.46 -10.61
CA VAL A 316 -16.53 1.32 -9.74
C VAL A 316 -15.82 0.05 -10.21
N THR A 317 -15.90 -0.26 -11.51
CA THR A 317 -15.30 -1.48 -12.02
C THR A 317 -13.78 -1.40 -11.98
N CYS A 318 -13.20 -0.20 -12.15
CA CYS A 318 -11.75 -0.06 -11.98
C CYS A 318 -11.34 -0.50 -10.57
N ASN A 319 -12.07 -0.05 -9.56
CA ASN A 319 -11.74 -0.41 -8.19
C ASN A 319 -11.97 -1.88 -7.90
N LEU A 320 -13.00 -2.49 -8.48
CA LEU A 320 -13.30 -3.89 -8.19
C LEU A 320 -12.35 -4.88 -8.88
N PHE A 321 -12.03 -4.62 -10.13
CA PHE A 321 -11.26 -5.56 -10.94
C PHE A 321 -9.83 -5.13 -11.25
N VAL A 322 -9.63 -3.87 -11.62
CA VAL A 322 -8.30 -3.45 -12.07
C VAL A 322 -7.33 -3.37 -10.91
N VAL A 323 -7.71 -2.70 -9.81
CA VAL A 323 -6.76 -2.50 -8.72
C VAL A 323 -6.29 -3.83 -8.13
N PRO A 324 -7.14 -4.82 -7.89
CA PRO A 324 -6.61 -6.12 -7.40
C PRO A 324 -5.66 -6.76 -8.39
N ALA A 325 -5.95 -6.68 -9.68
CA ALA A 325 -5.03 -7.24 -10.67
C ALA A 325 -3.66 -6.55 -10.59
N LEU A 326 -3.65 -5.22 -10.49
CA LEU A 326 -2.40 -4.48 -10.40
C LEU A 326 -1.62 -4.89 -9.17
N ARG A 327 -2.31 -5.11 -8.05
CA ARG A 327 -1.67 -5.55 -6.83
C ARG A 327 -1.02 -6.92 -7.02
N LYS A 328 -1.68 -7.83 -7.73
CA LYS A 328 -1.04 -9.11 -8.01
C LYS A 328 0.18 -8.92 -8.90
N MET A 329 0.06 -8.06 -9.92
CA MET A 329 1.18 -7.86 -10.85
C MET A 329 2.42 -7.36 -10.13
N GLN A 330 2.25 -6.46 -9.15
CA GLN A 330 3.40 -5.92 -8.44
C GLN A 330 3.84 -6.81 -7.29
N GLY A 331 3.37 -8.05 -7.23
CA GLY A 331 3.93 -9.03 -6.32
C GLY A 331 3.24 -9.21 -5.00
N ILE A 332 2.14 -8.50 -4.72
CA ILE A 332 1.45 -8.68 -3.45
C ILE A 332 0.81 -10.07 -3.42
N LEU A 333 1.11 -10.83 -2.37
CA LEU A 333 0.74 -12.23 -2.37
CA LEU A 333 0.73 -12.24 -2.36
C LEU A 333 -0.78 -12.43 -2.28
N ASP A 334 -1.45 -11.69 -1.38
CA ASP A 334 -2.91 -11.68 -1.32
C ASP A 334 -3.39 -10.33 -1.80
N PRO A 335 -3.78 -10.20 -3.06
CA PRO A 335 -4.05 -8.88 -3.65
C PRO A 335 -5.45 -8.35 -3.40
N ARG A 336 -6.24 -9.06 -2.61
CA ARG A 336 -7.62 -8.67 -2.41
C ARG A 336 -7.71 -7.39 -1.57
N PRO A 337 -8.70 -6.56 -1.85
CA PRO A 337 -8.89 -5.35 -1.04
C PRO A 337 -9.37 -5.70 0.35
N THR A 338 -9.22 -4.76 1.24
CA THR A 338 -9.73 -4.90 2.59
C THR A 338 -11.23 -4.63 2.59
N ILE A 339 -11.97 -5.53 3.22
CA ILE A 339 -13.42 -5.42 3.37
C ILE A 339 -13.73 -5.20 4.84
N ILE A 340 -14.47 -4.15 5.13
CA ILE A 340 -14.86 -3.86 6.50
C ILE A 340 -16.39 -3.89 6.63
N LYS A 341 -16.83 -4.10 7.86
CA LYS A 341 -18.25 -4.06 8.20
C LYS A 341 -18.65 -2.67 8.64
N ALA A 342 -19.76 -2.17 8.10
CA ALA A 342 -20.22 -0.82 8.38
C ALA A 342 -21.73 -0.82 8.40
N ARG A 343 -22.30 0.23 8.97
CA ARG A 343 -23.75 0.38 9.08
CA ARG A 343 -23.74 0.38 9.08
C ARG A 343 -24.25 1.25 7.95
N LEU A 344 -25.32 0.78 7.29
CA LEU A 344 -25.97 1.55 6.24
C LEU A 344 -26.56 2.84 6.80
N SER A 345 -26.35 3.93 6.08
CA SER A 345 -26.86 5.22 6.52
CA SER A 345 -26.85 5.24 6.48
C SER A 345 -28.29 5.46 6.06
N CYS A 346 -28.84 4.63 5.18
CA CYS A 346 -30.21 4.78 4.71
C CYS A 346 -30.74 3.43 4.25
N ASP A 347 -32.07 3.35 4.11
CA ASP A 347 -32.70 2.17 3.55
C ASP A 347 -32.31 2.01 2.09
N VAL A 348 -32.27 0.76 1.63
CA VAL A 348 -31.92 0.44 0.24
C VAL A 348 -32.77 -0.71 -0.25
N LYS A 349 -33.29 -0.59 -1.47
CA LYS A 349 -33.96 -1.69 -2.16
C LYS A 349 -32.93 -2.50 -2.93
N LEU A 350 -32.97 -3.81 -2.77
CA LEU A 350 -31.95 -4.65 -3.40
C LEU A 350 -32.34 -5.00 -4.83
N ASP A 351 -31.35 -5.03 -5.67
CA ASP A 351 -31.46 -5.42 -7.07
C ASP A 351 -31.20 -6.92 -7.21
N PRO A 352 -31.70 -7.56 -8.29
CA PRO A 352 -31.29 -8.96 -8.53
C PRO A 352 -29.79 -9.11 -8.68
N ARG A 353 -29.11 -8.10 -9.16
CA ARG A 353 -27.65 -8.10 -9.25
C ARG A 353 -27.02 -7.58 -7.97
N PRO A 354 -25.85 -8.11 -7.58
CA PRO A 354 -25.07 -7.43 -6.54
C PRO A 354 -24.77 -6.01 -6.99
N GLU A 355 -24.88 -5.06 -6.06
CA GLU A 355 -24.80 -3.65 -6.38
C GLU A 355 -23.69 -2.98 -5.58
N TYR A 356 -23.01 -2.01 -6.22
CA TYR A 356 -21.82 -1.37 -5.69
C TYR A 356 -21.99 0.14 -5.77
N HIS A 357 -21.69 0.84 -4.68
N HIS A 357 -21.70 0.82 -4.67
CA HIS A 357 -21.84 2.29 -4.67
CA HIS A 357 -21.83 2.27 -4.59
C HIS A 357 -20.76 2.92 -3.80
C HIS A 357 -20.64 2.85 -3.84
N ARG A 358 -20.14 3.98 -4.31
CA ARG A 358 -19.13 4.71 -3.58
C ARG A 358 -19.76 5.30 -2.34
N CYS A 359 -18.98 5.34 -1.25
CA CYS A 359 -19.48 5.85 0.01
C CYS A 359 -18.32 6.43 0.80
N ILE A 360 -18.67 7.06 1.91
CA ILE A 360 -17.70 7.59 2.87
C ILE A 360 -17.93 6.85 4.17
N LEU A 361 -16.88 6.22 4.67
CA LEU A 361 -16.86 5.58 5.97
C LEU A 361 -16.48 6.60 7.02
N THR A 362 -17.28 6.67 8.09
CA THR A 362 -17.03 7.57 9.21
CA THR A 362 -16.99 7.56 9.21
C THR A 362 -17.19 6.79 10.51
N TRP A 363 -16.24 6.97 11.42
CA TRP A 363 -16.33 6.44 12.77
C TRP A 363 -16.80 7.53 13.72
N HIS A 364 -17.73 7.20 14.58
CA HIS A 364 -18.12 8.07 15.68
C HIS A 364 -17.45 7.57 16.95
N HIS A 365 -16.76 8.49 17.66
CA HIS A 365 -15.86 8.09 18.73
C HIS A 365 -16.50 7.18 19.78
N GLN A 366 -17.82 7.08 19.81
CA GLN A 366 -18.46 6.15 20.73
C GLN A 366 -18.63 4.77 20.12
N GLU A 367 -19.13 4.71 18.93
CA GLU A 367 -19.71 3.50 18.40
C GLU A 367 -18.65 2.58 17.80
N PRO A 368 -18.82 1.27 17.92
CA PRO A 368 -17.77 0.35 17.46
C PRO A 368 -17.72 0.21 15.94
N LEU A 369 -18.84 0.29 15.24
CA LEU A 369 -18.83 0.15 13.79
C LEU A 369 -18.93 1.50 13.08
N PRO A 370 -18.23 1.65 11.96
CA PRO A 370 -18.40 2.86 11.15
C PRO A 370 -19.75 2.87 10.46
N TRP A 371 -20.16 4.07 10.08
CA TRP A 371 -21.29 4.28 9.19
C TRP A 371 -20.79 4.46 7.77
N ALA A 372 -21.53 3.92 6.80
CA ALA A 372 -21.25 4.07 5.38
C ALA A 372 -22.29 5.04 4.82
N GLN A 373 -21.86 6.24 4.48
CA GLN A 373 -22.75 7.22 3.88
C GLN A 373 -22.53 7.21 2.37
N SER A 374 -23.57 6.83 1.63
N SER A 374 -23.56 6.82 1.63
CA SER A 374 -23.47 6.71 0.18
CA SER A 374 -23.46 6.71 0.19
C SER A 374 -23.34 8.09 -0.46
C SER A 374 -23.33 8.09 -0.45
N THR A 375 -22.47 8.18 -1.47
CA THR A 375 -22.24 9.43 -2.18
C THR A 375 -23.42 9.78 -3.07
N SER A 381 -24.56 17.24 3.12
CA SER A 381 -23.86 17.68 4.32
C SER A 381 -22.74 18.66 3.99
N ARG A 382 -22.62 19.70 4.81
CA ARG A 382 -21.57 20.69 4.59
CA ARG A 382 -21.57 20.69 4.59
C ARG A 382 -20.18 20.09 4.78
N LEU A 383 -20.01 19.25 5.80
CA LEU A 383 -18.70 18.70 6.09
C LEU A 383 -18.40 17.45 5.25
N MET A 384 -19.41 16.69 4.85
CA MET A 384 -19.15 15.48 4.08
C MET A 384 -18.83 15.81 2.62
N SER A 385 -19.36 16.92 2.10
CA SER A 385 -18.97 17.37 0.77
C SER A 385 -17.49 17.71 0.69
N MET A 386 -16.80 17.82 1.83
CA MET A 386 -15.37 18.11 1.85
CA MET A 386 -15.37 18.12 1.84
C MET A 386 -14.52 16.86 1.70
N ARG A 387 -15.11 15.67 1.79
CA ARG A 387 -14.37 14.41 1.78
C ARG A 387 -14.60 13.62 0.50
N SER A 388 -13.55 12.91 0.08
N SER A 388 -13.56 12.90 0.08
CA SER A 388 -13.63 12.03 -1.06
CA SER A 388 -13.64 12.04 -1.08
C SER A 388 -14.14 10.66 -0.61
C SER A 388 -14.05 10.62 -0.65
N ALA A 389 -14.72 9.91 -1.55
CA ALA A 389 -15.13 8.55 -1.28
C ALA A 389 -13.94 7.71 -0.83
N ASN A 390 -14.15 6.92 0.23
CA ASN A 390 -13.12 5.99 0.68
C ASN A 390 -13.62 4.56 0.77
N GLY A 391 -14.87 4.30 0.39
CA GLY A 391 -15.37 2.94 0.38
C GLY A 391 -16.25 2.69 -0.82
N LEU A 392 -16.45 1.39 -1.07
CA LEU A 392 -17.40 0.89 -2.05
CA LEU A 392 -17.40 0.88 -2.06
C LEU A 392 -18.36 -0.04 -1.31
N LEU A 393 -19.57 0.44 -1.09
CA LEU A 393 -20.63 -0.40 -0.53
CA LEU A 393 -20.63 -0.40 -0.54
C LEU A 393 -20.87 -1.60 -1.43
N MET A 394 -21.04 -2.77 -0.81
CA MET A 394 -21.24 -4.04 -1.52
CA MET A 394 -21.24 -4.03 -1.54
C MET A 394 -22.57 -4.63 -1.08
N LEU A 395 -23.62 -4.38 -1.87
CA LEU A 395 -24.96 -4.82 -1.49
C LEU A 395 -25.23 -6.20 -2.04
N PRO A 396 -25.88 -7.08 -1.28
CA PRO A 396 -26.12 -8.42 -1.75
C PRO A 396 -27.25 -8.46 -2.76
N PRO A 397 -27.28 -9.47 -3.63
CA PRO A 397 -28.42 -9.64 -4.53
C PRO A 397 -29.70 -9.85 -3.75
N LYS A 398 -30.79 -9.35 -4.31
CA LYS A 398 -32.10 -9.61 -3.71
C LYS A 398 -32.43 -11.09 -3.84
N THR A 399 -33.20 -11.59 -2.88
CA THR A 399 -33.74 -12.94 -2.90
C THR A 399 -35.22 -12.84 -2.58
N GLU A 400 -35.92 -13.98 -2.67
CA GLU A 400 -37.31 -14.02 -2.26
C GLU A 400 -37.45 -13.66 -0.79
N GLN A 401 -36.42 -13.90 0.02
CA GLN A 401 -36.42 -13.58 1.44
C GLN A 401 -36.02 -12.13 1.69
N TYR A 402 -34.84 -11.74 1.22
CA TYR A 402 -34.28 -10.41 1.47
C TYR A 402 -34.45 -9.55 0.22
N VAL A 403 -35.33 -8.54 0.33
CA VAL A 403 -35.62 -7.62 -0.76
C VAL A 403 -35.14 -6.21 -0.46
N GLU A 404 -34.78 -5.92 0.79
CA GLU A 404 -34.48 -4.57 1.22
C GLU A 404 -33.56 -4.66 2.42
N LEU A 405 -32.72 -3.65 2.60
CA LEU A 405 -31.94 -3.48 3.81
C LEU A 405 -32.27 -2.12 4.43
N HIS A 406 -32.12 -2.03 5.74
CA HIS A 406 -32.58 -0.85 6.47
C HIS A 406 -31.40 -0.11 7.10
N LYS A 407 -31.59 1.20 7.25
CA LYS A 407 -30.65 2.03 7.98
C LYS A 407 -30.22 1.34 9.26
N GLY A 408 -28.89 1.31 9.47
CA GLY A 408 -28.31 0.73 10.65
C GLY A 408 -27.85 -0.70 10.49
N GLU A 409 -28.36 -1.40 9.48
CA GLU A 409 -27.95 -2.78 9.27
C GLU A 409 -26.53 -2.85 8.72
N VAL A 410 -25.86 -3.95 9.03
CA VAL A 410 -24.45 -4.10 8.75
C VAL A 410 -24.26 -4.60 7.32
N VAL A 411 -23.33 -3.96 6.60
CA VAL A 411 -23.01 -4.31 5.22
C VAL A 411 -21.50 -4.34 5.04
N ASP A 412 -21.07 -5.04 3.98
CA ASP A 412 -19.66 -5.08 3.59
C ASP A 412 -19.31 -3.83 2.80
N VAL A 413 -18.14 -3.26 3.10
CA VAL A 413 -17.65 -2.09 2.38
C VAL A 413 -16.19 -2.34 2.03
N MET A 414 -15.88 -2.24 0.74
CA MET A 414 -14.51 -2.35 0.28
CA MET A 414 -14.50 -2.34 0.28
C MET A 414 -13.81 -1.01 0.46
N VAL A 415 -12.62 -1.04 1.05
CA VAL A 415 -11.84 0.20 1.22
C VAL A 415 -11.20 0.57 -0.11
N ILE A 416 -11.43 1.81 -0.56
CA ILE A 416 -10.87 2.29 -1.81
C ILE A 416 -10.12 3.59 -1.65
N GLY A 417 -10.13 4.18 -0.47
CA GLY A 417 -9.35 5.37 -0.22
C GLY A 417 -8.74 5.29 1.17
N ARG A 418 -7.86 6.23 1.44
CA ARG A 418 -7.33 6.38 2.79
C ARG A 418 -8.48 6.60 3.76
N LEU A 419 -8.47 5.87 4.87
CA LEU A 419 -9.53 6.02 5.84
C LEU A 419 -9.29 7.29 6.65
CA CA B . -19.65 5.21 -26.82
CA CA C . -22.45 2.06 -26.10
P PO4 D . 6.85 -2.16 -20.69
O1 PO4 D . 5.77 -2.91 -21.42
O2 PO4 D . 6.21 -1.31 -19.62
O3 PO4 D . 7.61 -1.29 -21.66
O4 PO4 D . 7.82 -3.12 -20.08
C ACT E . 11.01 -12.52 9.68
O ACT E . 10.20 -13.42 9.37
OXT ACT E . 11.67 -12.03 8.74
CH3 ACT E . 11.18 -12.08 11.11
H1 ACT E . 11.94 -11.30 11.16
H2 ACT E . 10.24 -11.70 11.48
H3 ACT E . 11.50 -12.93 11.71
C ACT F . -6.32 -8.55 2.69
O ACT F . -7.38 -8.05 3.13
OXT ACT F . -6.46 -9.61 2.06
CH3 ACT F . -4.98 -7.88 2.87
H1 ACT F . -4.21 -8.48 2.39
H2 ACT F . -4.77 -7.80 3.94
H3 ACT F . -5.00 -6.89 2.42
C ACT G . 2.33 -0.77 2.09
C ACT G . 2.33 -0.44 1.88
O ACT G . 3.31 -0.09 1.73
O ACT G . 3.28 0.33 1.65
OXT ACT G . 2.58 -1.82 2.74
OXT ACT G . 2.61 -1.51 2.47
CH3 ACT G . 0.93 -0.35 1.78
CH3 ACT G . 0.93 -0.08 1.47
H1 ACT G . 0.95 0.58 1.20
H1 ACT G . 0.92 0.90 0.99
H2 ACT G . 0.37 -0.20 2.69
H2 ACT G . 0.29 -0.05 2.35
H3 ACT G . 0.44 -1.13 1.18
H3 ACT G . 0.55 -0.83 0.78
C ACT H . 4.56 -11.33 -17.62
O ACT H . 4.08 -12.14 -18.43
OXT ACT H . 4.13 -10.16 -17.74
CH3 ACT H . 5.55 -11.74 -16.55
H1 ACT H . 5.80 -10.87 -15.95
H2 ACT H . 6.45 -12.12 -17.03
H3 ACT H . 5.11 -12.51 -15.93
C ACT I . -22.51 11.33 -14.87
O ACT I . -23.04 11.20 -16.01
OXT ACT I . -21.94 10.30 -14.40
CH3 ACT I . -22.53 12.62 -14.12
H1 ACT I . -23.05 13.37 -14.71
H2 ACT I . -21.51 12.95 -13.93
H3 ACT I . -23.05 12.49 -13.17
C ACT J . -25.45 -15.21 -13.16
O ACT J . -24.35 -15.48 -13.69
OXT ACT J . -25.37 -14.55 -12.10
CH3 ACT J . -26.76 -15.64 -13.75
H1 ACT J . -27.57 -15.29 -13.12
H2 ACT J . -26.78 -16.73 -13.82
H3 ACT J . -26.85 -15.21 -14.75
C ACT K . -30.15 -7.80 -16.88
C ACT K . -30.24 -7.73 -16.29
O ACT K . -31.25 -8.32 -17.17
O ACT K . -31.23 -8.47 -16.37
OXT ACT K . -29.18 -8.58 -16.73
OXT ACT K . -29.16 -8.28 -15.98
CH3 ACT K . -30.01 -6.30 -16.71
CH3 ACT K . -30.34 -6.25 -16.55
H1 ACT K . -30.97 -5.82 -16.88
H1 ACT K . -31.35 -6.00 -16.81
H2 ACT K . -29.28 -5.92 -17.43
H2 ACT K . -29.67 -5.99 -17.38
H3 ACT K . -29.66 -6.08 -15.71
H3 ACT K . -30.02 -5.70 -15.66
C ACT L . 0.41 13.38 -13.08
O ACT L . -0.02 13.10 -11.93
OXT ACT L . 1.66 13.50 -13.20
CH3 ACT L . -0.50 13.58 -14.23
H1 ACT L . -1.53 13.44 -13.90
H2 ACT L . -0.26 12.86 -15.01
H3 ACT L . -0.38 14.59 -14.62
C ACT M . 8.61 -0.67 -13.04
O ACT M . 9.40 -1.33 -13.72
OXT ACT M . 8.71 -0.85 -11.81
CH3 ACT M . 7.62 0.27 -13.68
H1 ACT M . 7.73 0.25 -14.76
H2 ACT M . 7.80 1.29 -13.32
H3 ACT M . 6.61 -0.03 -13.39
C ACT N . 17.15 -9.26 -11.91
O ACT N . 16.68 -8.61 -10.97
OXT ACT N . 18.39 -9.19 -12.09
CH3 ACT N . 16.27 -10.10 -12.80
H1 ACT N . 16.88 -10.59 -13.55
H2 ACT N . 15.53 -9.47 -13.28
H3 ACT N . 15.77 -10.86 -12.19
C ACT O . -0.21 -16.21 -14.82
C ACT O . -1.09 -16.76 -15.60
O ACT O . -0.22 -15.87 -16.03
O ACT O . -1.46 -15.57 -15.56
OXT ACT O . -1.33 -16.44 -14.31
OXT ACT O . -1.86 -17.56 -16.17
CH3 ACT O . 1.05 -16.34 -14.02
CH3 ACT O . 0.22 -17.20 -15.01
H1 ACT O . 1.90 -16.08 -14.66
H1 ACT O . 0.73 -16.35 -14.57
H2 ACT O . 1.16 -17.35 -13.67
H2 ACT O . 0.85 -17.64 -15.78
H3 ACT O . 1.01 -15.65 -13.18
H3 ACT O . 0.03 -17.95 -14.23
C ACT P . -4.13 17.79 -24.21
O ACT P . -3.52 16.71 -24.33
OXT ACT P . -3.76 18.50 -23.26
CH3 ACT P . -5.22 18.18 -25.15
H1 ACT P . -5.37 17.39 -25.89
H2 ACT P . -4.96 19.11 -25.65
H3 ACT P . -6.15 18.31 -24.58
C ACT Q . 3.18 -15.99 -28.12
O ACT Q . 1.99 -16.36 -27.99
OXT ACT Q . 3.84 -15.93 -27.05
CH3 ACT Q . 3.77 -15.63 -29.45
H1 ACT Q . 4.81 -15.34 -29.32
H2 ACT Q . 3.21 -14.82 -29.88
H3 ACT Q . 3.71 -16.50 -30.11
C ACT R . 10.65 -14.40 -6.60
O ACT R . 10.37 -13.51 -7.45
OXT ACT R . 11.33 -15.36 -7.00
CH3 ACT R . 10.17 -14.31 -5.18
H1 ACT R . 9.59 -13.40 -5.05
H2 ACT R . 11.03 -14.30 -4.51
H3 ACT R . 9.55 -15.18 -4.96
C ACT S . 2.41 -16.27 -20.69
O ACT S . 2.54 -15.72 -21.80
OXT ACT S . 1.28 -16.77 -20.43
CH3 ACT S . 3.55 -16.35 -19.72
H1 ACT S . 4.42 -15.85 -20.15
H2 ACT S . 3.78 -17.39 -19.51
H3 ACT S . 3.27 -15.84 -18.79
C ACT T . -30.53 -1.33 12.78
O ACT T . -30.33 -0.23 13.34
OXT ACT T . -29.78 -2.26 13.13
CH3 ACT T . -31.61 -1.51 11.76
H1 ACT T . -32.14 -0.56 11.61
H2 ACT T . -32.32 -2.27 12.10
H3 ACT T . -31.17 -1.82 10.81
C ACT U . 37.68 6.22 27.47
O ACT U . 37.95 5.03 27.78
OXT ACT U . 38.39 7.08 28.00
CH3 ACT U . 36.58 6.62 26.54
H1 ACT U . 36.05 5.75 26.19
H2 ACT U . 37.00 7.17 25.70
H3 ACT U . 35.88 7.27 27.08
C ACT V . 36.01 4.46 47.13
O ACT V . 36.26 5.68 47.14
OXT ACT V . 35.89 3.92 48.24
CH3 ACT V . 35.84 3.69 45.84
H1 ACT V . 35.98 4.36 45.00
H2 ACT V . 34.83 3.26 45.82
H3 ACT V . 36.57 2.89 45.81
C ACT W . 30.18 -5.68 28.97
O ACT W . 28.99 -5.48 28.67
OXT ACT W . 30.37 -6.61 29.78
CH3 ACT W . 31.31 -4.87 28.40
H1 ACT W . 32.26 -5.23 28.80
H2 ACT W . 31.18 -3.82 28.66
H3 ACT W . 31.32 -4.97 27.31
C ACT X . -3.60 7.32 -29.56
O ACT X . -3.52 8.50 -29.16
OXT ACT X . -3.63 6.42 -28.68
CH3 ACT X . -3.65 6.98 -31.02
H1 ACT X . -3.61 7.89 -31.60
H2 ACT X . -4.57 6.45 -31.23
H3 ACT X . -2.80 6.34 -31.27
C ACT Y . -6.47 -14.80 -3.55
O ACT Y . -5.58 -14.50 -4.38
OXT ACT Y . -6.18 -14.58 -2.36
CH3 ACT Y . -7.79 -15.41 -3.97
H1 ACT Y . -7.81 -15.52 -5.05
H2 ACT Y . -8.60 -14.75 -3.64
H3 ACT Y . -7.90 -16.38 -3.49
C ACT Z . -22.94 -8.74 6.60
O ACT Z . -22.73 -7.72 5.90
OXT ACT Z . -23.35 -9.74 5.99
CH3 ACT Z . -22.72 -8.74 8.09
H1 ACT Z . -22.97 -9.72 8.50
H2 ACT Z . -23.36 -7.98 8.56
H3 ACT Z . -21.68 -8.51 8.31
C ACT AA . -1.44 -5.56 1.65
O ACT AA . -1.74 -4.37 1.36
OXT ACT AA . -2.49 -6.26 1.67
CH3 ACT AA . -0.10 -6.15 1.87
H1 ACT AA . -0.19 -7.22 2.04
H2 ACT AA . 0.36 -5.68 2.74
H3 ACT AA . 0.52 -5.96 1.00
C ACT BA . 16.64 0.65 35.89
O ACT BA . 15.76 1.28 36.53
OXT ACT BA . 17.63 1.42 35.78
CH3 ACT BA . 16.53 -0.74 35.34
H1 ACT BA . 15.55 -1.15 35.58
H2 ACT BA . 17.32 -1.36 35.77
H3 ACT BA . 16.65 -0.71 34.25
NA NA CA . -22.44 0.26 -17.24
PB ADP DA . -20.75 1.16 -23.03
O1B ADP DA . -21.07 0.94 -24.51
O2B ADP DA . -19.37 0.65 -22.65
O3B ADP DA . -21.85 0.71 -22.10
PA ADP DA . -20.87 3.86 -23.88
O1A ADP DA . -22.24 3.54 -24.47
O2A ADP DA . -19.73 4.09 -24.83
O3A ADP DA . -20.53 2.76 -22.78
O5' ADP DA . -21.09 5.20 -23.04
C5' ADP DA . -22.08 5.21 -22.03
C4' ADP DA . -22.27 6.64 -21.57
O4' ADP DA . -21.02 7.06 -21.00
C3' ADP DA . -22.64 7.60 -22.71
O3' ADP DA . -23.53 8.56 -22.15
C2' ADP DA . -21.31 8.22 -23.04
O2' ADP DA . -21.39 9.54 -23.57
C1' ADP DA . -20.61 8.23 -21.67
N9 ADP DA . -19.14 8.21 -21.74
C8 ADP DA . -18.40 7.31 -22.41
N7 ADP DA . -17.09 7.58 -22.26
C5 ADP DA . -17.00 8.65 -21.47
C6 ADP DA . -15.92 9.46 -20.93
N6 ADP DA . -14.66 9.14 -21.20
N1 ADP DA . -16.21 10.52 -20.17
C2 ADP DA . -17.47 10.86 -19.86
N3 ADP DA . -18.51 10.17 -20.33
C4 ADP DA . -18.34 9.09 -21.12
H5'1 ADP DA . -21.76 4.58 -21.20
H5'2 ADP DA . -23.03 4.82 -22.43
H4' ADP DA . -23.06 6.65 -20.80
H3' ADP DA . -23.07 7.06 -23.56
HO3' ADP DA . -23.79 9.18 -22.85
H2' ADP DA . -20.77 7.56 -23.73
HO2' ADP DA . -21.89 9.53 -24.40
H1' ADP DA . -20.95 9.11 -21.11
H8 ADP DA . -18.80 6.49 -23.00
HN61 ADP DA . -13.92 9.71 -20.82
HN62 ADP DA . -14.44 8.36 -21.79
H2 ADP DA . -17.65 11.72 -19.23
C1 MPD EA . -15.91 10.28 -11.16
C2 MPD EA . -17.37 10.62 -11.41
O2 MPD EA . -17.97 10.82 -10.12
CM MPD EA . -18.07 9.46 -12.10
C3 MPD EA . -17.48 11.93 -12.23
C4 MPD EA . -18.94 12.31 -12.52
O4 MPD EA . -19.37 11.79 -13.76
C5 MPD EA . -19.17 13.82 -12.57
H11 MPD EA . -15.28 11.03 -11.62
H12 MPD EA . -15.69 9.31 -11.60
H13 MPD EA . -15.73 10.25 -10.10
HO2 MPD EA . -18.32 11.73 -10.06
HM1 MPD EA . -18.52 9.79 -13.03
HM2 MPD EA . -18.85 9.07 -11.44
HM3 MPD EA . -17.35 8.67 -12.31
H31 MPD EA . -17.00 12.73 -11.67
H32 MPD EA . -16.94 11.81 -13.16
H4 MPD EA . -19.56 11.89 -11.73
HO4 MPD EA . -18.70 11.99 -14.45
H51 MPD EA . -19.60 14.09 -13.53
H52 MPD EA . -18.23 14.33 -12.44
H53 MPD EA . -19.86 14.11 -11.77
CAA D8Z FA . -16.28 -10.15 -4.17
CAB D8Z FA . -15.72 -10.14 -5.61
CAC D8Z FA . -15.04 -8.89 -5.90
CAD D8Z FA . -13.89 -8.68 -4.89
CAE D8Z FA . -13.30 -7.32 -5.22
CAF D8Z FA . -14.54 -8.64 -3.52
CAG D8Z FA . -13.70 -8.14 -2.35
CAH D8Z FA . -12.66 -9.04 -1.76
CAI D8Z FA . -13.24 -10.34 -1.29
CAJ D8Z FA . -12.35 -10.83 -0.16
CAM D8Z FA . -15.15 -9.99 -3.18
CAN D8Z FA . -14.23 -11.25 -3.29
CAP D8Z FA . -16.11 -12.64 -3.85
CAR D8Z FA . -14.88 -14.11 -5.19
CAS D8Z FA . -17.05 -11.41 -3.81
CAT D8Z FA . -18.27 -11.59 -4.72
OAK D8Z FA . -14.59 -10.19 -0.78
OAL D8Z FA . -15.66 -9.95 -1.81
OAO D8Z FA . -15.00 -12.42 -2.95
OAQ D8Z FA . -15.65 -12.91 -5.15
OAU D8Z FA . -13.16 -11.27 -2.35
HAA D8Z FA . -16.97 -9.30 -4.07
HAC D8Z FA . -15.02 -10.97 -5.73
HAB D8Z FA . -16.54 -10.27 -6.32
HAE D8Z FA . -15.63 -8.05 -5.72
HAD D8Z FA . -14.55 -8.86 -6.82
HAF D8Z FA . -13.13 -9.46 -4.96
HAG D8Z FA . -14.08 -6.55 -5.16
HAH D8Z FA . -12.89 -7.33 -6.22
HAI D8Z FA . -12.51 -7.08 -4.50
HAJ D8Z FA . -15.33 -7.90 -3.58
HAK D8Z FA . -14.40 -7.99 -1.54
HAL D8Z FA . -13.26 -7.18 -2.61
HAM D8Z FA . -12.33 -8.48 -0.88
HAN D8Z FA . -11.79 -9.21 -2.40
HAQ D8Z FA . -12.71 -11.79 0.20
HAO D8Z FA . -12.36 -10.12 0.66
HAP D8Z FA . -11.33 -10.95 -0.53
HAR D8Z FA . -13.84 -11.36 -4.30
HAS D8Z FA . -16.66 -13.52 -3.51
HAT D8Z FA . -14.55 -14.29 -6.21
HAU D8Z FA . -15.47 -14.95 -4.85
HAV D8Z FA . -14.01 -14.00 -4.53
HAW D8Z FA . -17.40 -11.30 -2.79
HAX D8Z FA . -17.94 -11.69 -5.76
HAY D8Z FA . -18.92 -10.70 -4.64
HAZ D8Z FA . -18.83 -12.47 -4.42
#